data_7W70
#
_entry.id   7W70
#
_cell.length_a   40.673
_cell.length_b   42.408
_cell.length_c   97.949
_cell.angle_alpha   90.000
_cell.angle_beta   90.000
_cell.angle_gamma   90.000
#
_symmetry.space_group_name_H-M   'P 21 21 21'
#
loop_
_entity.id
_entity.type
_entity.pdbx_description
1 polymer 'Zinc metalloprotease'
2 water water
#
_entity_poly.entity_id   1
_entity_poly.type   'polypeptide(L)'
_entity_poly.pdbx_seq_one_letter_code
;GEPSLGLVAKDSPAEKGGLKVGDTVVSVNGESISLWSEFVSFIENNPGKPLELIVARDGYQQPLVVTPEANERDRTIGYL
GISPAFQ
;
_entity_poly.pdbx_strand_id   A,B
#
# COMPACT_ATOMS: atom_id res chain seq x y z
N GLY A 1 3.91 3.56 5.10
CA GLY A 1 4.13 4.25 6.36
C GLY A 1 3.50 3.55 7.55
N GLU A 2 2.28 3.96 7.89
CA GLU A 2 1.56 3.34 9.00
C GLU A 2 1.20 1.90 8.65
N PRO A 3 1.10 1.02 9.67
CA PRO A 3 0.82 -0.40 9.42
C PRO A 3 -0.67 -0.70 9.31
N SER A 4 -1.39 0.09 8.51
CA SER A 4 -2.81 -0.08 8.30
CA SER A 4 -2.82 -0.06 8.30
C SER A 4 -3.07 -0.66 6.93
N LEU A 5 -4.03 -1.58 6.85
CA LEU A 5 -4.31 -2.30 5.63
C LEU A 5 -5.24 -1.54 4.71
N GLY A 6 -4.90 -1.57 3.42
CA GLY A 6 -5.85 -1.28 2.39
C GLY A 6 -6.50 -2.59 1.99
N LEU A 7 -6.59 -2.86 0.70
CA LEU A 7 -7.38 -3.96 0.20
C LEU A 7 -6.78 -5.32 0.56
N VAL A 8 -7.65 -6.30 0.71
CA VAL A 8 -7.29 -7.68 1.01
C VAL A 8 -7.70 -8.53 -0.19
N ALA A 9 -6.79 -9.35 -0.70
CA ALA A 9 -7.07 -10.13 -1.90
C ALA A 9 -7.96 -11.33 -1.61
N LYS A 10 -8.75 -11.71 -2.59
CA LYS A 10 -9.69 -12.82 -2.44
C LYS A 10 -8.94 -14.14 -2.30
N ASP A 11 -9.39 -14.98 -1.36
CA ASP A 11 -8.81 -16.29 -1.10
C ASP A 11 -7.34 -16.22 -0.68
N SER A 12 -6.89 -15.05 -0.23
CA SER A 12 -5.51 -14.89 0.21
C SER A 12 -5.34 -15.42 1.62
N PRO A 13 -4.09 -15.67 2.03
CA PRO A 13 -3.84 -15.96 3.44
C PRO A 13 -4.42 -14.92 4.37
N ALA A 14 -4.35 -13.64 3.98
CA ALA A 14 -4.89 -12.57 4.81
C ALA A 14 -6.39 -12.73 5.00
N GLU A 15 -7.10 -12.96 3.90
CA GLU A 15 -8.54 -13.16 4.01
C GLU A 15 -8.87 -14.39 4.86
N LYS A 16 -8.16 -15.49 4.64
CA LYS A 16 -8.43 -16.72 5.37
CA LYS A 16 -8.43 -16.72 5.37
C LYS A 16 -8.21 -16.52 6.87
N GLY A 17 -7.19 -15.76 7.24
CA GLY A 17 -6.87 -15.52 8.62
C GLY A 17 -7.69 -14.45 9.29
N GLY A 18 -8.56 -13.78 8.54
CA GLY A 18 -9.50 -12.83 9.10
C GLY A 18 -9.13 -11.36 9.03
N LEU A 19 -8.09 -10.99 8.28
CA LEU A 19 -7.75 -9.59 8.13
C LEU A 19 -8.76 -8.86 7.23
N LYS A 20 -8.97 -7.58 7.52
CA LYS A 20 -9.92 -6.78 6.79
CA LYS A 20 -9.93 -6.77 6.80
C LYS A 20 -9.34 -5.40 6.51
N VAL A 21 -9.81 -4.79 5.40
CA VAL A 21 -9.40 -3.43 5.09
CA VAL A 21 -9.46 -3.41 5.09
C VAL A 21 -9.63 -2.53 6.31
N GLY A 22 -8.65 -1.66 6.55
CA GLY A 22 -8.70 -0.75 7.67
C GLY A 22 -8.06 -1.26 8.94
N ASP A 23 -7.77 -2.55 9.04
CA ASP A 23 -7.11 -3.06 10.24
C ASP A 23 -5.75 -2.40 10.37
N THR A 24 -5.35 -2.11 11.61
CA THR A 24 -4.00 -1.65 11.90
C THR A 24 -3.26 -2.76 12.65
N VAL A 25 -2.11 -3.18 12.12
CA VAL A 25 -1.32 -4.22 12.78
C VAL A 25 -0.53 -3.61 13.93
N VAL A 26 -0.81 -4.08 15.14
CA VAL A 26 -0.17 -3.57 16.34
C VAL A 26 1.12 -4.33 16.63
N SER A 27 1.11 -5.65 16.43
CA SER A 27 2.25 -6.47 16.76
C SER A 27 2.22 -7.75 15.93
N VAL A 28 3.40 -8.34 15.75
CA VAL A 28 3.59 -9.61 15.07
C VAL A 28 4.40 -10.49 16.00
N ASN A 29 3.87 -11.66 16.34
CA ASN A 29 4.56 -12.60 17.24
C ASN A 29 4.98 -11.91 18.53
N GLY A 30 4.14 -10.99 19.00
CA GLY A 30 4.39 -10.25 20.21
C GLY A 30 5.36 -9.11 20.08
N GLU A 31 5.91 -8.88 18.89
CA GLU A 31 6.81 -7.77 18.66
C GLU A 31 6.01 -6.57 18.15
N SER A 32 6.01 -5.48 18.91
CA SER A 32 5.33 -4.27 18.46
CA SER A 32 5.33 -4.28 18.46
CA SER A 32 5.33 -4.28 18.46
C SER A 32 5.96 -3.78 17.18
N ILE A 33 5.12 -3.32 16.26
CA ILE A 33 5.62 -2.74 15.02
C ILE A 33 4.98 -1.36 14.86
N SER A 34 5.70 -0.49 14.17
CA SER A 34 5.20 0.84 13.87
C SER A 34 5.23 1.17 12.40
N LEU A 35 5.84 0.32 11.57
CA LEU A 35 6.05 0.60 10.16
C LEU A 35 5.48 -0.52 9.31
N TRP A 36 4.84 -0.14 8.21
CA TRP A 36 4.42 -1.13 7.23
C TRP A 36 5.58 -2.03 6.81
N SER A 37 6.77 -1.45 6.65
CA SER A 37 7.91 -2.23 6.18
C SER A 37 8.27 -3.35 7.15
N GLU A 38 8.04 -3.15 8.45
CA GLU A 38 8.27 -4.22 9.42
C GLU A 38 7.28 -5.37 9.19
N PHE A 39 6.01 -5.04 9.01
CA PHE A 39 5.01 -6.08 8.71
C PHE A 39 5.40 -6.84 7.45
N VAL A 40 5.79 -6.11 6.40
CA VAL A 40 6.19 -6.75 5.16
C VAL A 40 7.36 -7.69 5.37
N SER A 41 8.32 -7.28 6.21
CA SER A 41 9.47 -8.12 6.50
C SER A 41 9.06 -9.45 7.13
N PHE A 42 8.16 -9.41 8.11
CA PHE A 42 7.65 -10.63 8.72
C PHE A 42 6.95 -11.52 7.69
N ILE A 43 6.19 -10.92 6.78
CA ILE A 43 5.52 -11.69 5.73
C ILE A 43 6.52 -12.32 4.79
N GLU A 44 7.39 -11.49 4.20
CA GLU A 44 8.23 -12.00 3.12
CA GLU A 44 8.28 -11.95 3.13
C GLU A 44 9.22 -13.04 3.61
N ASN A 45 9.68 -12.92 4.85
N ASN A 45 9.68 -12.94 4.86
CA ASN A 45 10.75 -13.77 5.34
CA ASN A 45 10.76 -13.82 5.35
C ASN A 45 10.26 -15.06 6.01
C ASN A 45 10.24 -14.96 6.22
N ASN A 46 8.94 -15.22 6.19
CA ASN A 46 8.40 -16.39 6.87
C ASN A 46 7.34 -17.12 6.06
N PRO A 47 7.63 -17.50 4.80
CA PRO A 47 6.65 -18.29 4.05
C PRO A 47 6.32 -19.59 4.77
N GLY A 48 5.02 -19.90 4.87
CA GLY A 48 4.57 -21.14 5.44
C GLY A 48 4.52 -21.19 6.95
N LYS A 49 4.84 -20.10 7.64
N LYS A 49 4.80 -20.09 7.63
CA LYS A 49 4.81 -20.14 9.08
CA LYS A 49 4.84 -20.07 9.09
C LYS A 49 3.74 -19.19 9.63
C LYS A 49 3.76 -19.17 9.64
N PRO A 50 2.98 -19.62 10.63
CA PRO A 50 1.90 -18.76 11.14
C PRO A 50 2.45 -17.56 11.89
N LEU A 51 1.84 -16.39 11.65
CA LEU A 51 2.15 -15.15 12.34
C LEU A 51 0.99 -14.81 13.25
N GLU A 52 1.29 -14.60 14.52
CA GLU A 52 0.27 -14.21 15.50
CA GLU A 52 0.28 -14.21 15.51
C GLU A 52 0.20 -12.68 15.52
N LEU A 53 -0.92 -12.15 15.06
CA LEU A 53 -1.12 -10.71 14.99
C LEU A 53 -2.01 -10.23 16.14
N ILE A 54 -1.78 -9.00 16.58
CA ILE A 54 -2.79 -8.19 17.24
C ILE A 54 -3.13 -7.08 16.26
N VAL A 55 -4.42 -6.93 15.95
CA VAL A 55 -4.85 -5.86 15.08
C VAL A 55 -5.84 -4.97 15.82
N ALA A 56 -5.82 -3.69 15.48
CA ALA A 56 -6.81 -2.73 15.94
C ALA A 56 -7.86 -2.60 14.86
N ARG A 57 -9.11 -2.87 15.22
CA ARG A 57 -10.24 -2.83 14.31
C ARG A 57 -11.43 -2.24 15.05
N ASP A 58 -12.03 -1.19 14.49
CA ASP A 58 -13.28 -0.65 15.02
C ASP A 58 -13.15 -0.32 16.51
N GLY A 59 -11.98 0.19 16.89
CA GLY A 59 -11.76 0.65 18.24
C GLY A 59 -11.40 -0.41 19.26
N TYR A 60 -11.06 -1.63 18.81
CA TYR A 60 -10.69 -2.72 19.72
C TYR A 60 -9.51 -3.49 19.14
N GLN A 61 -8.70 -4.07 20.03
CA GLN A 61 -7.58 -4.90 19.61
C GLN A 61 -7.96 -6.37 19.75
N GLN A 62 -7.69 -7.16 18.72
CA GLN A 62 -8.05 -8.56 18.73
C GLN A 62 -6.95 -9.40 18.08
N PRO A 63 -6.86 -10.67 18.43
CA PRO A 63 -5.82 -11.54 17.87
C PRO A 63 -6.28 -12.21 16.59
N LEU A 64 -5.31 -12.39 15.68
CA LEU A 64 -5.53 -13.17 14.46
C LEU A 64 -4.29 -14.01 14.20
N VAL A 65 -4.46 -15.08 13.44
CA VAL A 65 -3.35 -15.88 12.93
C VAL A 65 -3.41 -15.86 11.41
N VAL A 66 -2.31 -15.47 10.77
CA VAL A 66 -2.22 -15.47 9.32
C VAL A 66 -0.93 -16.15 8.92
N THR A 67 -0.96 -16.90 7.83
CA THR A 67 0.21 -17.67 7.41
C THR A 67 0.61 -17.29 6.00
N PRO A 68 1.73 -16.60 5.81
CA PRO A 68 2.19 -16.29 4.46
C PRO A 68 2.33 -17.56 3.62
N GLU A 69 1.94 -17.47 2.36
CA GLU A 69 2.09 -18.54 1.39
C GLU A 69 3.23 -18.20 0.44
N ALA A 70 3.67 -19.20 -0.31
CA ALA A 70 4.73 -18.97 -1.28
C ALA A 70 4.24 -18.04 -2.38
N ASN A 71 4.97 -16.95 -2.59
CA ASN A 71 4.64 -16.02 -3.66
C ASN A 71 4.80 -16.71 -5.01
N GLU A 72 3.80 -16.53 -5.87
CA GLU A 72 3.77 -17.25 -7.14
C GLU A 72 4.90 -16.81 -8.08
N ARG A 73 5.37 -15.57 -7.94
CA ARG A 73 6.48 -15.10 -8.76
CA ARG A 73 6.48 -15.11 -8.77
C ARG A 73 7.83 -15.55 -8.21
N ASP A 74 7.93 -15.69 -6.88
CA ASP A 74 9.17 -16.11 -6.23
C ASP A 74 8.75 -16.93 -5.01
N ARG A 75 8.78 -18.25 -5.15
CA ARG A 75 8.31 -19.13 -4.09
C ARG A 75 9.18 -19.08 -2.84
N THR A 76 10.33 -18.40 -2.89
CA THR A 76 11.19 -18.31 -1.73
C THR A 76 10.74 -17.26 -0.73
N ILE A 77 9.81 -16.38 -1.09
CA ILE A 77 9.36 -15.34 -0.17
C ILE A 77 7.87 -15.49 0.08
N GLY A 78 7.45 -15.02 1.25
CA GLY A 78 6.06 -15.16 1.65
C GLY A 78 5.19 -14.06 1.09
N TYR A 79 3.91 -14.38 0.96
CA TYR A 79 2.90 -13.49 0.40
C TYR A 79 1.65 -13.62 1.24
N LEU A 80 1.04 -12.49 1.59
CA LEU A 80 -0.19 -12.52 2.36
CA LEU A 80 -0.20 -12.50 2.38
C LEU A 80 -1.43 -12.11 1.59
N GLY A 81 -1.29 -11.28 0.55
CA GLY A 81 -2.43 -10.80 -0.19
C GLY A 81 -3.00 -9.52 0.37
N ILE A 82 -2.13 -8.60 0.76
CA ILE A 82 -2.55 -7.34 1.34
C ILE A 82 -1.86 -6.16 0.66
N SER A 83 -2.56 -5.06 0.63
CA SER A 83 -1.97 -3.80 0.19
CA SER A 83 -1.95 -3.81 0.21
C SER A 83 -2.04 -2.80 1.34
N PRO A 84 -1.08 -1.89 1.42
CA PRO A 84 -1.16 -0.86 2.47
C PRO A 84 -2.29 0.09 2.17
N ALA A 85 -2.71 0.82 3.20
CA ALA A 85 -3.78 1.81 3.03
C ALA A 85 -3.44 2.76 1.89
N PHE A 86 -4.45 3.12 1.11
CA PHE A 86 -4.24 4.06 0.02
C PHE A 86 -3.63 5.35 0.54
N GLN A 87 -2.67 5.89 -0.21
CA GLN A 87 -2.08 7.17 0.12
C GLN A 87 -2.36 8.18 -0.97
N GLY B 1 8.72 0.57 -2.77
CA GLY B 1 9.82 0.36 -3.69
C GLY B 1 9.74 1.25 -4.92
N GLU B 2 9.17 0.69 -6.02
CA GLU B 2 9.03 1.32 -7.33
C GLU B 2 7.77 2.18 -7.36
N PRO B 3 7.81 3.40 -8.02
CA PRO B 3 6.62 4.25 -8.14
C PRO B 3 5.65 3.78 -9.23
N SER B 4 5.30 2.49 -9.17
CA SER B 4 4.43 1.78 -10.13
C SER B 4 3.12 1.40 -9.46
N LEU B 5 2.01 1.83 -10.04
CA LEU B 5 0.73 1.78 -9.37
C LEU B 5 0.14 0.38 -9.44
N GLY B 6 -0.10 -0.22 -8.29
CA GLY B 6 -0.70 -1.54 -8.26
C GLY B 6 -2.19 -1.43 -8.13
N LEU B 7 -2.64 -0.40 -7.41
CA LEU B 7 -4.06 -0.17 -7.18
C LEU B 7 -4.34 1.32 -7.21
N VAL B 8 -5.46 1.69 -7.80
CA VAL B 8 -5.91 3.07 -7.86
C VAL B 8 -7.32 3.12 -7.30
N ALA B 9 -7.52 3.88 -6.22
CA ALA B 9 -8.82 3.91 -5.55
C ALA B 9 -9.88 4.57 -6.41
N LYS B 10 -11.10 4.04 -6.35
CA LYS B 10 -12.18 4.58 -7.15
C LYS B 10 -12.57 5.98 -6.68
N ASP B 11 -12.82 6.86 -7.64
CA ASP B 11 -13.29 8.23 -7.40
CA ASP B 11 -13.27 8.24 -7.41
C ASP B 11 -12.24 9.08 -6.67
N SER B 12 -10.99 8.65 -6.66
CA SER B 12 -9.91 9.35 -6.00
C SER B 12 -9.33 10.43 -6.90
N PRO B 13 -8.58 11.38 -6.33
CA PRO B 13 -7.80 12.30 -7.20
C PRO B 13 -6.96 11.58 -8.24
N ALA B 14 -6.38 10.43 -7.89
CA ALA B 14 -5.59 9.68 -8.86
C ALA B 14 -6.43 9.25 -10.05
N GLU B 15 -7.59 8.64 -9.79
CA GLU B 15 -8.46 8.22 -10.89
C GLU B 15 -8.93 9.42 -11.70
N LYS B 16 -9.33 10.51 -11.02
CA LYS B 16 -9.86 11.67 -11.72
CA LYS B 16 -9.86 11.67 -11.72
C LYS B 16 -8.81 12.34 -12.60
N GLY B 17 -7.56 12.30 -12.18
CA GLY B 17 -6.50 12.85 -12.99
C GLY B 17 -6.00 11.93 -14.08
N GLY B 18 -6.52 10.72 -14.18
CA GLY B 18 -6.23 9.83 -15.28
C GLY B 18 -5.20 8.74 -15.01
N LEU B 19 -4.77 8.56 -13.76
CA LEU B 19 -3.83 7.50 -13.47
C LEU B 19 -4.50 6.14 -13.55
N LYS B 20 -3.72 5.13 -13.95
CA LYS B 20 -4.23 3.78 -14.12
C LYS B 20 -3.26 2.78 -13.51
N VAL B 21 -3.83 1.64 -13.10
CA VAL B 21 -3.01 0.54 -12.63
C VAL B 21 -1.97 0.21 -13.69
N GLY B 22 -0.74 0.00 -13.24
CA GLY B 22 0.35 -0.28 -14.14
C GLY B 22 1.16 0.92 -14.54
N ASP B 23 0.67 2.14 -14.32
CA ASP B 23 1.44 3.34 -14.64
C ASP B 23 2.67 3.42 -13.74
N THR B 24 3.76 3.93 -14.29
CA THR B 24 4.92 4.28 -13.49
C THR B 24 5.09 5.79 -13.55
N VAL B 25 5.19 6.43 -12.39
CA VAL B 25 5.39 7.88 -12.35
C VAL B 25 6.87 8.17 -12.51
N VAL B 26 7.22 8.90 -13.56
CA VAL B 26 8.58 9.22 -13.97
C VAL B 26 9.08 10.47 -13.26
N SER B 27 8.21 11.46 -13.13
CA SER B 27 8.62 12.75 -12.59
C SER B 27 7.40 13.45 -12.05
N VAL B 28 7.66 14.37 -11.11
CA VAL B 28 6.62 15.21 -10.51
C VAL B 28 7.14 16.64 -10.55
N ASN B 29 6.36 17.55 -11.15
CA ASN B 29 6.76 18.96 -11.24
C ASN B 29 8.14 19.11 -11.85
N GLY B 30 8.45 18.27 -12.84
CA GLY B 30 9.71 18.34 -13.54
C GLY B 30 10.86 17.70 -12.81
N GLU B 31 10.63 17.15 -11.64
CA GLU B 31 11.68 16.50 -10.86
C GLU B 31 11.57 15.00 -11.05
N SER B 32 12.63 14.38 -11.57
N SER B 32 12.63 14.38 -11.56
CA SER B 32 12.63 12.93 -11.72
CA SER B 32 12.62 12.93 -11.73
C SER B 32 12.49 12.28 -10.36
C SER B 32 12.54 12.25 -10.38
N ILE B 33 11.78 11.15 -10.32
CA ILE B 33 11.68 10.34 -9.12
C ILE B 33 12.00 8.91 -9.49
N SER B 34 12.50 8.17 -8.53
CA SER B 34 12.77 6.75 -8.73
C SER B 34 12.15 5.87 -7.65
N LEU B 35 11.55 6.46 -6.62
CA LEU B 35 11.07 5.71 -5.47
C LEU B 35 9.62 6.01 -5.20
N TRP B 36 8.86 4.97 -4.83
CA TRP B 36 7.49 5.15 -4.37
C TRP B 36 7.43 6.22 -3.28
N SER B 37 8.35 6.16 -2.32
CA SER B 37 8.32 7.09 -1.20
C SER B 37 8.48 8.54 -1.65
N GLU B 38 9.21 8.78 -2.75
CA GLU B 38 9.30 10.15 -3.26
C GLU B 38 7.97 10.64 -3.78
N PHE B 39 7.24 9.79 -4.50
CA PHE B 39 5.91 10.19 -4.96
C PHE B 39 5.02 10.48 -3.76
N VAL B 40 5.06 9.61 -2.76
CA VAL B 40 4.28 9.83 -1.55
C VAL B 40 4.64 11.16 -0.89
N SER B 41 5.93 11.50 -0.86
CA SER B 41 6.32 12.80 -0.31
C SER B 41 5.69 13.97 -1.05
N PHE B 42 5.67 13.91 -2.39
CA PHE B 42 5.04 14.98 -3.16
C PHE B 42 3.55 15.05 -2.88
N ILE B 43 2.89 13.89 -2.72
CA ILE B 43 1.45 13.87 -2.49
C ILE B 43 1.13 14.42 -1.11
N GLU B 44 1.77 13.85 -0.08
CA GLU B 44 1.41 14.18 1.29
C GLU B 44 1.66 15.64 1.62
N ASN B 45 2.68 16.23 1.02
CA ASN B 45 3.10 17.56 1.40
C ASN B 45 2.54 18.64 0.49
N ASN B 46 1.63 18.30 -0.43
CA ASN B 46 1.01 19.30 -1.31
C ASN B 46 -0.51 19.13 -1.42
N PRO B 47 -1.22 19.08 -0.28
CA PRO B 47 -2.68 19.01 -0.35
C PRO B 47 -3.25 20.21 -1.10
N GLY B 48 -4.19 19.93 -2.00
CA GLY B 48 -4.95 20.97 -2.67
C GLY B 48 -4.25 21.70 -3.78
N LYS B 49 -3.08 21.24 -4.23
CA LYS B 49 -2.37 21.87 -5.31
C LYS B 49 -2.08 20.87 -6.42
N PRO B 50 -2.12 21.30 -7.66
CA PRO B 50 -1.88 20.36 -8.77
C PRO B 50 -0.42 19.94 -8.86
N LEU B 51 -0.23 18.66 -9.16
CA LEU B 51 1.08 18.08 -9.41
C LEU B 51 1.14 17.67 -10.86
N GLU B 52 2.18 18.11 -11.55
CA GLU B 52 2.36 17.80 -12.96
C GLU B 52 3.18 16.54 -13.09
N LEU B 53 2.56 15.46 -13.54
CA LEU B 53 3.23 14.17 -13.63
C LEU B 53 3.65 13.89 -15.06
N ILE B 54 4.73 13.14 -15.20
CA ILE B 54 4.99 12.37 -16.42
C ILE B 54 4.85 10.91 -16.02
N VAL B 55 4.01 10.17 -16.75
N VAL B 55 4.08 10.15 -16.80
CA VAL B 55 3.77 8.77 -16.44
CA VAL B 55 3.71 8.78 -16.46
C VAL B 55 4.12 7.92 -17.64
C VAL B 55 4.00 7.87 -17.64
N ALA B 56 4.68 6.76 -17.36
CA ALA B 56 4.96 5.75 -18.36
C ALA B 56 3.82 4.75 -18.38
N ARG B 57 3.26 4.54 -19.57
CA ARG B 57 2.15 3.61 -19.76
C ARG B 57 2.36 2.94 -21.11
N ASP B 58 2.49 1.60 -21.10
CA ASP B 58 2.67 0.84 -22.33
C ASP B 58 3.80 1.41 -23.19
N GLY B 59 4.87 1.81 -22.52
CA GLY B 59 6.05 2.22 -23.22
C GLY B 59 6.08 3.65 -23.70
N TYR B 60 5.03 4.43 -23.50
CA TYR B 60 5.01 5.83 -23.86
C TYR B 60 4.80 6.68 -22.62
N GLN B 61 5.47 7.81 -22.60
N GLN B 61 5.45 7.83 -22.58
CA GLN B 61 5.32 8.78 -21.54
CA GLN B 61 5.33 8.72 -21.44
C GLN B 61 4.25 9.79 -21.92
C GLN B 61 4.43 9.91 -21.79
N GLN B 62 3.48 10.21 -20.91
CA GLN B 62 2.47 11.21 -21.17
C GLN B 62 2.31 12.09 -19.94
N PRO B 63 1.91 13.33 -20.13
CA PRO B 63 1.66 14.23 -19.00
C PRO B 63 0.27 14.02 -18.42
N LEU B 64 0.18 14.08 -17.09
CA LEU B 64 -1.09 14.11 -16.39
C LEU B 64 -0.97 15.11 -15.27
N VAL B 65 -2.10 15.59 -14.77
CA VAL B 65 -2.14 16.46 -13.61
C VAL B 65 -3.05 15.84 -12.59
N VAL B 66 -2.59 15.78 -11.34
CA VAL B 66 -3.40 15.29 -10.23
C VAL B 66 -3.33 16.29 -9.09
N THR B 67 -4.42 16.42 -8.36
CA THR B 67 -4.47 17.33 -7.22
C THR B 67 -4.76 16.54 -5.96
N PRO B 68 -3.78 16.34 -5.07
CA PRO B 68 -4.07 15.67 -3.81
C PRO B 68 -5.17 16.39 -3.04
N GLU B 69 -6.02 15.61 -2.38
CA GLU B 69 -7.06 16.17 -1.52
C GLU B 69 -6.67 15.97 -0.07
N ALA B 70 -7.38 16.65 0.83
CA ALA B 70 -7.14 16.47 2.25
C ALA B 70 -7.42 15.03 2.65
N ASN B 71 -6.46 14.41 3.34
CA ASN B 71 -6.60 13.02 3.76
C ASN B 71 -7.72 12.89 4.80
N GLU B 72 -8.36 11.73 4.79
CA GLU B 72 -9.50 11.47 5.68
C GLU B 72 -9.04 11.40 7.13
N ARG B 73 -8.18 10.45 7.45
CA ARG B 73 -7.66 10.25 8.79
C ARG B 73 -6.76 11.38 9.27
N ASP B 74 -6.44 12.34 8.40
CA ASP B 74 -5.56 13.46 8.75
C ASP B 74 -5.63 14.54 7.68
N ARG B 75 -6.49 15.53 7.88
CA ARG B 75 -6.71 16.51 6.82
C ARG B 75 -5.57 17.51 6.64
N THR B 76 -4.45 17.37 7.34
CA THR B 76 -3.30 18.22 7.06
C THR B 76 -2.40 17.64 5.97
N ILE B 77 -2.61 16.40 5.57
CA ILE B 77 -1.76 15.67 4.62
CA ILE B 77 -1.74 15.78 4.58
C ILE B 77 -2.53 15.50 3.32
N GLY B 78 -1.83 15.55 2.19
CA GLY B 78 -2.45 15.26 0.91
C GLY B 78 -2.65 13.77 0.71
N TYR B 79 -3.68 13.45 -0.08
CA TYR B 79 -4.09 12.09 -0.38
C TYR B 79 -4.40 12.00 -1.87
N LEU B 80 -3.91 10.95 -2.52
CA LEU B 80 -4.14 10.75 -3.94
C LEU B 80 -5.02 9.56 -4.28
N GLY B 81 -4.87 8.45 -3.56
CA GLY B 81 -5.62 7.22 -3.83
C GLY B 81 -4.83 6.14 -4.53
N ILE B 82 -3.59 5.91 -4.11
CA ILE B 82 -2.73 4.93 -4.77
C ILE B 82 -2.17 3.96 -3.75
N SER B 83 -1.86 2.76 -4.23
CA SER B 83 -1.19 1.77 -3.39
C SER B 83 -0.39 0.87 -4.31
N PRO B 84 0.71 0.29 -3.81
CA PRO B 84 1.41 -0.74 -4.59
C PRO B 84 0.58 -2.01 -4.68
N ALA B 85 1.05 -2.92 -5.53
CA ALA B 85 0.40 -4.21 -5.69
C ALA B 85 0.42 -4.98 -4.37
N PHE B 86 -0.44 -6.00 -4.30
CA PHE B 86 -0.54 -6.85 -3.12
C PHE B 86 0.82 -7.50 -2.80
N GLN B 87 1.08 -7.65 -1.51
CA GLN B 87 2.23 -8.41 -1.04
C GLN B 87 1.82 -9.34 0.10
#